data_6Q1X
#
_entry.id   6Q1X
#
_entity_poly.entity_id   1
_entity_poly.type   'polypeptide(L)'
_entity_poly.pdbx_seq_one_letter_code
;GVLGNDAEGITLLPLCFKPICIPTLPPLTGGHA
;
_entity_poly.pdbx_strand_id   A
#
# COMPACT_ATOMS: atom_id res chain seq x y z
N GLY A 1 5.82 4.27 -1.57
CA GLY A 1 7.11 4.93 -1.51
C GLY A 1 7.01 6.36 -1.02
N VAL A 2 6.79 6.51 0.28
CA VAL A 2 6.67 7.85 0.88
C VAL A 2 7.08 7.83 2.35
N LEU A 3 6.59 6.84 3.09
CA LEU A 3 6.89 6.72 4.50
C LEU A 3 6.18 5.51 5.12
N GLY A 4 6.88 4.78 5.97
CA GLY A 4 6.29 3.61 6.61
C GLY A 4 7.32 2.53 6.87
N ASN A 5 6.97 1.29 6.53
CA ASN A 5 7.86 0.16 6.73
C ASN A 5 7.89 -0.75 5.50
N ASP A 6 6.74 -1.29 5.14
CA ASP A 6 6.64 -2.17 3.98
C ASP A 6 7.15 -1.47 2.73
N ALA A 7 7.16 -2.20 1.61
CA ALA A 7 7.64 -1.66 0.35
C ALA A 7 6.50 -1.53 -0.66
N GLU A 8 6.21 -0.30 -1.06
CA GLU A 8 5.13 -0.04 -2.02
C GLU A 8 5.55 -0.49 -3.43
N GLY A 9 6.85 -0.68 -3.62
CA GLY A 9 7.34 -1.10 -4.91
C GLY A 9 8.78 -0.66 -5.16
N ILE A 10 9.23 0.34 -4.39
CA ILE A 10 10.58 0.85 -4.53
C ILE A 10 11.56 0.08 -3.66
N THR A 11 12.85 0.23 -3.93
CA THR A 11 13.87 -0.45 -3.16
C THR A 11 14.43 0.46 -2.07
N LEU A 12 14.18 1.76 -2.19
CA LEU A 12 14.65 2.73 -1.21
C LEU A 12 14.27 2.30 0.21
N LEU A 13 14.84 2.99 1.20
CA LEU A 13 14.55 2.68 2.60
C LEU A 13 13.15 3.15 2.97
N PRO A 14 12.91 4.46 2.84
CA PRO A 14 11.61 5.06 3.16
C PRO A 14 10.52 4.65 2.18
N LEU A 15 9.75 3.65 2.55
CA LEU A 15 8.66 3.16 1.71
C LEU A 15 7.33 3.22 2.44
N CYS A 16 6.24 3.09 1.69
CA CYS A 16 4.90 3.13 2.27
C CYS A 16 4.63 1.89 3.12
N PHE A 17 3.77 2.04 4.12
CA PHE A 17 3.43 0.93 5.01
C PHE A 17 2.78 -0.21 4.23
N LYS A 18 2.63 -1.35 4.89
CA LYS A 18 2.01 -2.52 4.27
C LYS A 18 0.52 -2.28 3.99
N PRO A 19 -0.22 -1.98 5.07
CA PRO A 19 -1.67 -1.72 4.96
C PRO A 19 -1.97 -0.40 4.27
N ILE A 20 -1.27 0.66 4.69
CA ILE A 20 -1.47 1.97 4.09
C ILE A 20 -1.31 1.93 2.58
N CYS A 21 -0.49 1.01 2.09
CA CYS A 21 -0.26 0.85 0.67
C CYS A 21 -0.19 -0.62 0.28
N ILE A 22 -1.34 -1.16 -0.12
CA ILE A 22 -1.41 -2.56 -0.52
C ILE A 22 -1.52 -2.69 -2.03
N PRO A 23 -0.70 -3.60 -2.61
CA PRO A 23 -0.68 -3.85 -4.05
C PRO A 23 -1.95 -4.53 -4.54
N THR A 24 -2.35 -5.60 -3.85
CA THR A 24 -3.54 -6.34 -4.21
C THR A 24 -4.79 -5.47 -4.13
N LEU A 25 -4.70 -4.39 -3.36
CA LEU A 25 -5.82 -3.46 -3.20
C LEU A 25 -7.02 -4.16 -2.57
N PRO A 26 -7.94 -3.37 -2.02
CA PRO A 26 -9.16 -3.88 -1.38
C PRO A 26 -10.14 -4.48 -2.40
N PRO A 27 -11.15 -5.20 -1.88
CA PRO A 27 -12.16 -5.84 -2.72
C PRO A 27 -13.09 -4.82 -3.38
N LEU A 28 -14.11 -5.31 -4.07
CA LEU A 28 -15.06 -4.44 -4.75
C LEU A 28 -16.48 -4.71 -4.25
N THR A 29 -16.62 -4.79 -2.93
CA THR A 29 -17.93 -5.04 -2.32
C THR A 29 -18.46 -3.77 -1.66
N GLY A 30 -17.56 -2.92 -1.18
CA GLY A 30 -17.96 -1.69 -0.54
C GLY A 30 -18.03 -0.52 -1.49
N GLY A 31 -18.12 -0.82 -2.78
CA GLY A 31 -18.19 0.22 -3.79
C GLY A 31 -19.57 0.39 -4.37
N HIS A 32 -20.58 -0.10 -3.65
CA HIS A 32 -21.96 -0.02 -4.09
C HIS A 32 -22.59 1.30 -3.65
N ALA A 33 -22.63 1.52 -2.34
CA ALA A 33 -23.20 2.74 -1.79
C ALA A 33 -22.41 3.97 -2.22
N GLY A 1 5.70 4.16 -1.52
CA GLY A 1 7.00 4.82 -1.49
C GLY A 1 6.91 6.25 -1.02
N VAL A 2 6.72 6.44 0.28
CA VAL A 2 6.61 7.77 0.85
C VAL A 2 7.05 7.79 2.31
N LEU A 3 6.57 6.80 3.07
CA LEU A 3 6.91 6.70 4.49
C LEU A 3 6.22 5.50 5.12
N GLY A 4 6.94 4.77 5.96
CA GLY A 4 6.39 3.60 6.63
C GLY A 4 7.42 2.52 6.89
N ASN A 5 7.06 1.29 6.58
CA ASN A 5 7.96 0.16 6.77
C ASN A 5 7.97 -0.75 5.56
N ASP A 6 6.80 -1.31 5.23
CA ASP A 6 6.66 -2.21 4.09
C ASP A 6 7.15 -1.54 2.82
N ALA A 7 7.13 -2.28 1.71
CA ALA A 7 7.56 -1.74 0.42
C ALA A 7 6.38 -1.63 -0.55
N GLU A 8 6.10 -0.40 -0.97
CA GLU A 8 5.00 -0.16 -1.90
C GLU A 8 5.36 -0.62 -3.31
N GLY A 9 6.66 -0.79 -3.54
CA GLY A 9 7.12 -1.23 -4.86
C GLY A 9 8.54 -0.79 -5.14
N ILE A 10 9.01 0.21 -4.40
CA ILE A 10 10.35 0.74 -4.59
C ILE A 10 11.36 -0.03 -3.73
N THR A 11 12.65 0.12 -4.05
CA THR A 11 13.70 -0.55 -3.31
C THR A 11 14.29 0.36 -2.23
N LEU A 12 14.03 1.66 -2.36
CA LEU A 12 14.53 2.64 -1.40
C LEU A 12 14.19 2.22 0.03
N LEU A 13 14.79 2.91 1.00
CA LEU A 13 14.54 2.61 2.40
C LEU A 13 13.16 3.08 2.83
N PRO A 14 12.91 4.39 2.69
CA PRO A 14 11.63 4.99 3.05
C PRO A 14 10.50 4.58 2.11
N LEU A 15 9.74 3.58 2.51
CA LEU A 15 8.63 3.08 1.70
C LEU A 15 7.31 3.15 2.47
N CYS A 16 6.20 3.01 1.76
CA CYS A 16 4.88 3.05 2.37
C CYS A 16 4.63 1.80 3.20
N PHE A 17 3.77 1.92 4.20
CA PHE A 17 3.45 0.80 5.07
C PHE A 17 2.76 -0.32 4.28
N LYS A 18 2.59 -1.47 4.93
CA LYS A 18 1.96 -2.62 4.30
C LYS A 18 0.48 -2.35 4.03
N PRO A 19 -0.27 -2.05 5.10
CA PRO A 19 -1.70 -1.77 5.01
C PRO A 19 -1.99 -0.43 4.33
N ILE A 20 -1.28 0.61 4.77
CA ILE A 20 -1.46 1.94 4.20
C ILE A 20 -1.31 1.92 2.69
N CYS A 21 -0.50 0.99 2.19
CA CYS A 21 -0.28 0.86 0.76
C CYS A 21 -0.23 -0.62 0.35
N ILE A 22 -1.39 -1.14 -0.05
CA ILE A 22 -1.49 -2.53 -0.48
C ILE A 22 -1.50 -2.64 -2.00
N PRO A 23 -0.69 -3.56 -2.54
CA PRO A 23 -0.59 -3.79 -3.98
C PRO A 23 -1.85 -4.44 -4.54
N THR A 24 -2.32 -5.49 -3.89
CA THR A 24 -3.51 -6.20 -4.33
C THR A 24 -4.74 -5.31 -4.25
N LEU A 25 -4.65 -4.27 -3.43
CA LEU A 25 -5.76 -3.33 -3.25
C LEU A 25 -6.99 -4.04 -2.70
N PRO A 26 -7.92 -3.26 -2.13
CA PRO A 26 -9.16 -3.78 -1.56
C PRO A 26 -10.11 -4.31 -2.62
N PRO A 27 -11.15 -5.04 -2.18
CA PRO A 27 -12.15 -5.61 -3.07
C PRO A 27 -13.05 -4.54 -3.71
N LEU A 28 -13.97 -4.98 -4.55
CA LEU A 28 -14.89 -4.06 -5.22
C LEU A 28 -16.31 -4.25 -4.70
N THR A 29 -16.49 -4.04 -3.40
CA THR A 29 -17.81 -4.18 -2.78
C THR A 29 -18.26 -2.86 -2.16
N GLY A 30 -17.30 -2.10 -1.63
CA GLY A 30 -17.63 -0.83 -1.02
C GLY A 30 -18.22 0.16 -2.00
N GLY A 31 -18.01 -0.09 -3.29
CA GLY A 31 -18.53 0.79 -4.31
C GLY A 31 -20.04 0.88 -4.29
N HIS A 32 -20.70 -0.23 -3.94
CA HIS A 32 -22.15 -0.27 -3.88
C HIS A 32 -22.64 -0.13 -2.44
N ALA A 33 -22.01 -0.88 -1.54
CA ALA A 33 -22.38 -0.84 -0.13
C ALA A 33 -23.85 -1.22 0.06
N GLY A 1 2.89 3.33 -1.54
CA GLY A 1 3.95 4.29 -1.77
C GLY A 1 3.58 5.70 -1.33
N VAL A 2 3.62 5.94 -0.03
CA VAL A 2 3.27 7.25 0.51
C VAL A 2 3.98 7.50 1.85
N LEU A 3 3.93 6.50 2.72
CA LEU A 3 4.56 6.61 4.03
C LEU A 3 4.34 5.34 4.86
N GLY A 4 5.38 4.91 5.55
CA GLY A 4 5.28 3.71 6.36
C GLY A 4 6.56 2.91 6.38
N ASN A 5 6.43 1.59 6.33
CA ASN A 5 7.60 0.70 6.35
C ASN A 5 7.54 -0.29 5.19
N ASP A 6 6.49 -1.10 5.17
CA ASP A 6 6.32 -2.10 4.12
C ASP A 6 6.39 -1.46 2.74
N ALA A 7 6.35 -2.28 1.70
CA ALA A 7 6.41 -1.79 0.33
C ALA A 7 5.08 -2.03 -0.40
N GLU A 8 4.44 -0.95 -0.80
CA GLU A 8 3.16 -1.04 -1.50
C GLU A 8 3.37 -1.55 -2.93
N GLY A 9 4.61 -1.49 -3.41
CA GLY A 9 4.92 -1.94 -4.75
C GLY A 9 6.11 -1.23 -5.34
N ILE A 10 6.47 -0.08 -4.77
CA ILE A 10 7.60 0.70 -5.25
C ILE A 10 8.88 0.27 -4.56
N THR A 11 10.02 0.67 -5.14
CA THR A 11 11.32 0.33 -4.59
C THR A 11 11.85 1.46 -3.70
N LEU A 12 11.27 2.64 -3.85
CA LEU A 12 11.68 3.80 -3.06
C LEU A 12 11.72 3.46 -1.57
N LEU A 13 12.30 4.35 -0.78
CA LEU A 13 12.39 4.16 0.67
C LEU A 13 11.03 4.35 1.32
N PRO A 14 10.46 5.56 1.17
CA PRO A 14 9.15 5.89 1.75
C PRO A 14 8.01 5.15 1.06
N LEU A 15 7.59 4.05 1.66
CA LEU A 15 6.50 3.24 1.11
C LEU A 15 5.37 3.09 2.13
N CYS A 16 4.21 2.68 1.65
CA CYS A 16 3.05 2.49 2.51
C CYS A 16 3.28 1.36 3.51
N PHE A 17 2.59 1.43 4.65
CA PHE A 17 2.73 0.42 5.68
C PHE A 17 2.18 -0.92 5.20
N LYS A 18 2.53 -1.98 5.91
CA LYS A 18 2.08 -3.33 5.57
C LYS A 18 0.58 -3.46 5.79
N PRO A 19 0.15 -3.24 7.04
CA PRO A 19 -1.27 -3.34 7.41
C PRO A 19 -2.11 -2.21 6.82
N ILE A 20 -1.44 -1.24 6.21
CA ILE A 20 -2.11 -0.11 5.59
C ILE A 20 -2.22 -0.28 4.09
N CYS A 21 -1.32 -1.09 3.52
CA CYS A 21 -1.31 -1.35 2.09
C CYS A 21 -0.93 -2.79 1.80
N ILE A 22 -1.92 -3.60 1.43
CA ILE A 22 -1.68 -5.01 1.13
C ILE A 22 -2.04 -5.32 -0.33
N PRO A 23 -1.13 -6.03 -1.01
CA PRO A 23 -1.33 -6.41 -2.42
C PRO A 23 -2.44 -7.45 -2.58
N THR A 24 -2.47 -8.43 -1.68
CA THR A 24 -3.47 -9.49 -1.72
C THR A 24 -4.88 -8.90 -1.78
N LEU A 25 -5.04 -7.69 -1.27
CA LEU A 25 -6.34 -7.02 -1.26
C LEU A 25 -6.94 -7.00 -2.66
N PRO A 26 -8.27 -6.86 -2.73
CA PRO A 26 -9.00 -6.81 -4.00
C PRO A 26 -8.73 -5.53 -4.79
N PRO A 27 -9.14 -5.51 -6.06
CA PRO A 27 -8.96 -4.36 -6.93
C PRO A 27 -9.83 -3.17 -6.53
N LEU A 28 -9.75 -2.09 -7.29
CA LEU A 28 -10.54 -0.90 -7.02
C LEU A 28 -10.21 -0.34 -5.63
N THR A 29 -8.92 -0.21 -5.35
CA THR A 29 -8.48 0.31 -4.06
C THR A 29 -7.92 1.72 -4.20
N GLY A 30 -8.46 2.48 -5.15
CA GLY A 30 -8.01 3.83 -5.36
C GLY A 30 -8.46 4.79 -4.27
N GLY A 31 -9.63 4.52 -3.70
CA GLY A 31 -10.16 5.36 -2.65
C GLY A 31 -11.66 5.53 -2.73
N HIS A 32 -12.37 4.43 -2.92
CA HIS A 32 -13.83 4.47 -3.02
C HIS A 32 -14.45 3.28 -2.30
N ALA A 33 -15.32 3.57 -1.33
CA ALA A 33 -15.99 2.53 -0.57
C ALA A 33 -17.19 1.98 -1.31
N GLY A 1 6.46 3.78 -1.93
CA GLY A 1 7.73 4.47 -1.76
C GLY A 1 7.56 5.92 -1.41
N VAL A 2 7.14 6.19 -0.17
CA VAL A 2 6.93 7.55 0.29
C VAL A 2 7.11 7.64 1.81
N LEU A 3 6.49 6.71 2.53
CA LEU A 3 6.58 6.69 3.98
C LEU A 3 5.78 5.52 4.56
N GLY A 4 6.32 4.90 5.59
CA GLY A 4 5.65 3.78 6.23
C GLY A 4 6.61 2.78 6.83
N ASN A 5 6.46 1.52 6.46
CA ASN A 5 7.33 0.46 6.97
C ASN A 5 7.65 -0.57 5.89
N ASP A 6 6.60 -1.15 5.32
CA ASP A 6 6.76 -2.16 4.28
C ASP A 6 7.48 -1.56 3.06
N ALA A 7 7.49 -2.31 1.96
CA ALA A 7 8.15 -1.85 0.75
C ALA A 7 7.17 -1.87 -0.43
N GLU A 8 6.88 -0.69 -0.97
CA GLU A 8 5.97 -0.56 -2.10
C GLU A 8 6.61 -1.09 -3.38
N GLY A 9 7.94 -1.20 -3.37
CA GLY A 9 8.65 -1.68 -4.53
C GLY A 9 10.06 -1.13 -4.63
N ILE A 10 10.32 -0.06 -3.89
CA ILE A 10 11.64 0.57 -3.89
C ILE A 10 12.54 -0.03 -2.82
N THR A 11 13.83 0.21 -2.95
CA THR A 11 14.80 -0.31 -1.99
C THR A 11 15.12 0.72 -0.91
N LEU A 12 14.77 1.98 -1.18
CA LEU A 12 15.01 3.05 -0.23
C LEU A 12 14.47 2.70 1.16
N LEU A 13 14.85 3.50 2.16
CA LEU A 13 14.40 3.26 3.53
C LEU A 13 12.93 3.62 3.69
N PRO A 14 12.59 4.89 3.41
CA PRO A 14 11.21 5.38 3.52
C PRO A 14 10.30 4.80 2.44
N LEU A 15 9.58 3.74 2.78
CA LEU A 15 8.67 3.09 1.85
C LEU A 15 7.25 3.06 2.40
N CYS A 16 6.28 2.85 1.52
CA CYS A 16 4.88 2.80 1.92
C CYS A 16 4.67 1.76 3.01
N PHE A 17 3.46 1.75 3.58
CA PHE A 17 3.13 0.80 4.64
C PHE A 17 2.70 -0.53 4.06
N LYS A 18 2.50 -1.52 4.93
CA LYS A 18 2.08 -2.85 4.50
C LYS A 18 0.66 -2.83 3.98
N PRO A 19 -0.28 -2.41 4.84
CA PRO A 19 -1.70 -2.33 4.49
C PRO A 19 -1.99 -1.23 3.48
N ILE A 20 -1.04 -0.29 3.36
CA ILE A 20 -1.20 0.82 2.43
C ILE A 20 -0.51 0.53 1.10
N CYS A 21 -1.02 1.13 0.04
CA CYS A 21 -0.45 0.94 -1.30
C CYS A 21 -0.48 -0.52 -1.69
N ILE A 22 -1.68 -1.09 -1.76
CA ILE A 22 -1.84 -2.49 -2.13
C ILE A 22 -2.17 -2.65 -3.62
N PRO A 23 -1.47 -3.56 -4.29
CA PRO A 23 -1.65 -3.83 -5.72
C PRO A 23 -3.00 -4.50 -6.01
N THR A 24 -3.32 -5.54 -5.24
CA THR A 24 -4.57 -6.26 -5.42
C THR A 24 -5.76 -5.37 -5.14
N LEU A 25 -5.54 -4.31 -4.37
CA LEU A 25 -6.60 -3.37 -4.03
C LEU A 25 -7.71 -4.07 -3.25
N PRO A 26 -8.51 -3.28 -2.52
CA PRO A 26 -9.62 -3.80 -1.73
C PRO A 26 -10.76 -4.32 -2.59
N PRO A 27 -11.70 -5.05 -1.96
CA PRO A 27 -12.86 -5.62 -2.65
C PRO A 27 -13.85 -4.55 -3.11
N LEU A 28 -15.00 -4.99 -3.61
CA LEU A 28 -16.03 -4.07 -4.09
C LEU A 28 -17.39 -4.45 -3.53
N THR A 29 -17.41 -5.03 -2.33
CA THR A 29 -18.64 -5.45 -1.69
C THR A 29 -18.80 -4.79 -0.32
N GLY A 30 -19.08 -3.50 -0.32
CA GLY A 30 -19.25 -2.77 0.93
C GLY A 30 -18.44 -1.50 0.97
N GLY A 31 -17.37 -1.44 0.18
CA GLY A 31 -16.52 -0.26 0.16
C GLY A 31 -17.12 0.86 -0.68
N HIS A 32 -18.00 0.49 -1.61
CA HIS A 32 -18.64 1.47 -2.48
C HIS A 32 -19.71 2.25 -1.72
N ALA A 33 -20.26 1.64 -0.68
CA ALA A 33 -21.29 2.29 0.14
C ALA A 33 -20.80 3.63 0.67
N GLY A 1 2.24 3.54 -0.47
CA GLY A 1 3.20 4.49 -1.01
C GLY A 1 3.06 5.86 -0.40
N VAL A 2 3.53 6.01 0.83
CA VAL A 2 3.46 7.29 1.52
C VAL A 2 4.57 7.42 2.56
N LEU A 3 4.76 6.37 3.34
CA LEU A 3 5.80 6.36 4.38
C LEU A 3 5.78 5.05 5.15
N GLY A 4 6.97 4.54 5.46
CA GLY A 4 7.07 3.29 6.19
C GLY A 4 8.29 2.47 5.79
N ASN A 5 8.09 1.18 5.58
CA ASN A 5 9.17 0.29 5.20
C ASN A 5 8.74 -0.62 4.05
N ASP A 6 7.71 -1.41 4.29
CA ASP A 6 7.20 -2.33 3.27
C ASP A 6 6.84 -1.58 2.00
N ALA A 7 6.39 -2.33 0.99
CA ALA A 7 6.01 -1.73 -0.28
C ALA A 7 4.52 -1.91 -0.55
N GLU A 8 3.80 -0.78 -0.63
CA GLU A 8 2.36 -0.82 -0.89
C GLU A 8 2.07 -1.20 -2.33
N GLY A 9 3.09 -1.08 -3.19
CA GLY A 9 2.92 -1.42 -4.59
C GLY A 9 3.86 -0.65 -5.49
N ILE A 10 4.41 0.45 -4.97
CA ILE A 10 5.34 1.27 -5.73
C ILE A 10 6.78 0.79 -5.56
N THR A 11 7.66 1.25 -6.44
CA THR A 11 9.06 0.87 -6.38
C THR A 11 9.88 1.91 -5.64
N LEU A 12 9.31 3.11 -5.49
CA LEU A 12 10.00 4.20 -4.79
C LEU A 12 10.52 3.73 -3.44
N LEU A 13 11.34 4.57 -2.82
CA LEU A 13 11.92 4.24 -1.51
C LEU A 13 10.86 4.37 -0.41
N PRO A 14 10.29 5.57 -0.27
CA PRO A 14 9.26 5.85 0.74
C PRO A 14 7.94 5.15 0.42
N LEU A 15 7.73 3.99 1.03
CA LEU A 15 6.51 3.22 0.82
C LEU A 15 5.79 2.97 2.13
N CYS A 16 4.52 2.60 2.04
CA CYS A 16 3.71 2.32 3.23
C CYS A 16 4.27 1.14 4.01
N PHE A 17 3.95 1.08 5.29
CA PHE A 17 4.42 0.00 6.15
C PHE A 17 3.75 -1.32 5.79
N LYS A 18 4.27 -2.41 6.34
CA LYS A 18 3.72 -3.74 6.07
C LYS A 18 2.31 -3.87 6.66
N PRO A 19 2.21 -3.70 7.98
CA PRO A 19 0.93 -3.79 8.70
C PRO A 19 -0.01 -2.64 8.36
N ILE A 20 0.55 -1.43 8.27
CA ILE A 20 -0.24 -0.25 7.96
C ILE A 20 -0.85 -0.35 6.56
N CYS A 21 -0.20 -1.12 5.70
CA CYS A 21 -0.68 -1.31 4.33
C CYS A 21 -0.45 -2.73 3.86
N ILE A 22 -1.47 -3.58 3.99
CA ILE A 22 -1.38 -4.97 3.59
C ILE A 22 -1.93 -5.16 2.17
N PRO A 23 -1.16 -5.87 1.33
CA PRO A 23 -1.55 -6.14 -0.06
C PRO A 23 -2.71 -7.12 -0.15
N THR A 24 -2.77 -8.05 0.81
CA THR A 24 -3.83 -9.06 0.83
C THR A 24 -5.20 -8.39 0.78
N LEU A 25 -5.28 -7.14 1.21
CA LEU A 25 -6.52 -6.40 1.21
C LEU A 25 -7.23 -6.49 -0.15
N PRO A 26 -8.53 -6.21 -0.16
CA PRO A 26 -9.34 -6.26 -1.39
C PRO A 26 -8.98 -5.14 -2.36
N PRO A 27 -9.47 -5.25 -3.61
CA PRO A 27 -9.22 -4.25 -4.65
C PRO A 27 -9.94 -2.94 -4.37
N LEU A 28 -9.81 -2.00 -5.30
CA LEU A 28 -10.45 -0.69 -5.16
C LEU A 28 -11.47 -0.46 -6.26
N THR A 29 -12.04 -1.55 -6.77
CA THR A 29 -13.04 -1.48 -7.83
C THR A 29 -14.37 -0.96 -7.29
N GLY A 30 -14.68 -1.32 -6.05
CA GLY A 30 -15.92 -0.88 -5.42
C GLY A 30 -16.03 0.63 -5.36
N GLY A 31 -14.89 1.31 -5.47
CA GLY A 31 -14.90 2.77 -5.42
C GLY A 31 -14.53 3.40 -6.73
N HIS A 32 -15.17 2.94 -7.81
CA HIS A 32 -14.90 3.47 -9.15
C HIS A 32 -15.65 4.78 -9.37
N ALA A 33 -15.11 5.87 -8.84
CA ALA A 33 -15.72 7.18 -8.99
C ALA A 33 -15.75 7.61 -10.45
N GLY A 1 3.78 2.95 -2.22
CA GLY A 1 4.75 4.02 -2.26
C GLY A 1 4.14 5.37 -1.95
N VAL A 2 3.89 5.63 -0.67
CA VAL A 2 3.31 6.89 -0.24
C VAL A 2 3.71 7.23 1.20
N LEU A 3 3.63 6.24 2.07
CA LEU A 3 3.99 6.44 3.48
C LEU A 3 3.78 5.16 4.28
N GLY A 4 4.73 4.86 5.16
CA GLY A 4 4.63 3.67 5.98
C GLY A 4 5.98 3.02 6.22
N ASN A 5 6.00 1.69 6.21
CA ASN A 5 7.25 0.95 6.44
C ASN A 5 7.50 -0.05 5.31
N ASP A 6 6.58 -0.99 5.14
CA ASP A 6 6.69 -2.00 4.10
C ASP A 6 6.94 -1.35 2.74
N ALA A 7 7.24 -2.18 1.74
CA ALA A 7 7.51 -1.69 0.40
C ALA A 7 6.39 -2.09 -0.56
N GLU A 8 5.69 -1.10 -1.10
CA GLU A 8 4.59 -1.35 -2.03
C GLU A 8 5.13 -1.84 -3.38
N GLY A 9 6.42 -1.60 -3.62
CA GLY A 9 7.02 -2.01 -4.87
C GLY A 9 8.21 -1.16 -5.24
N ILE A 10 8.31 0.02 -4.64
CA ILE A 10 9.40 0.94 -4.92
C ILE A 10 10.59 0.66 -4.01
N THR A 11 11.75 1.20 -4.38
CA THR A 11 12.96 1.01 -3.59
C THR A 11 13.19 2.18 -2.64
N LEU A 12 12.51 3.29 -2.90
CA LEU A 12 12.63 4.48 -2.06
C LEU A 12 12.41 4.13 -0.60
N LEU A 13 12.74 5.07 0.28
CA LEU A 13 12.58 4.87 1.71
C LEU A 13 11.10 4.92 2.12
N PRO A 14 10.44 6.04 1.83
CA PRO A 14 9.03 6.23 2.15
C PRO A 14 8.11 5.38 1.27
N LEU A 15 7.71 4.22 1.80
CA LEU A 15 6.84 3.32 1.06
C LEU A 15 5.56 3.04 1.84
N CYS A 16 4.55 2.52 1.15
CA CYS A 16 3.27 2.21 1.77
C CYS A 16 3.41 1.12 2.82
N PHE A 17 2.55 1.14 3.82
CA PHE A 17 2.58 0.15 4.89
C PHE A 17 2.26 -1.24 4.35
N LYS A 18 2.62 -2.26 5.13
CA LYS A 18 2.37 -3.64 4.73
C LYS A 18 0.87 -3.95 4.75
N PRO A 19 0.25 -3.77 5.94
CA PRO A 19 -1.18 -4.03 6.11
C PRO A 19 -2.05 -3.01 5.39
N ILE A 20 -1.41 -1.98 4.84
CA ILE A 20 -2.12 -0.92 4.12
C ILE A 20 -2.02 -1.13 2.61
N CYS A 21 -1.00 -1.85 2.18
CA CYS A 21 -0.78 -2.13 0.77
C CYS A 21 -0.50 -3.61 0.53
N ILE A 22 -1.53 -4.33 0.10
CA ILE A 22 -1.39 -5.76 -0.17
C ILE A 22 -2.02 -6.13 -1.51
N PRO A 23 -1.26 -6.88 -2.33
CA PRO A 23 -1.71 -7.33 -3.65
C PRO A 23 -2.83 -8.36 -3.56
N THR A 24 -2.72 -9.27 -2.60
CA THR A 24 -3.72 -10.31 -2.40
C THR A 24 -5.05 -9.72 -1.93
N LEU A 25 -5.00 -8.49 -1.46
CA LEU A 25 -6.19 -7.80 -0.98
C LEU A 25 -6.87 -7.02 -2.10
N PRO A 26 -8.18 -6.76 -1.94
CA PRO A 26 -8.97 -6.02 -2.92
C PRO A 26 -8.58 -4.55 -2.98
N PRO A 27 -9.06 -3.86 -4.03
CA PRO A 27 -8.78 -2.42 -4.23
C PRO A 27 -9.48 -1.55 -3.19
N LEU A 28 -9.40 -0.23 -3.39
CA LEU A 28 -10.02 0.72 -2.49
C LEU A 28 -11.19 1.42 -3.16
N THR A 29 -11.08 1.64 -4.46
CA THR A 29 -12.13 2.31 -5.21
C THR A 29 -13.48 1.66 -4.97
N GLY A 30 -13.50 0.33 -5.00
CA GLY A 30 -14.74 -0.40 -4.78
C GLY A 30 -15.23 -0.28 -3.35
N GLY A 31 -14.33 0.05 -2.44
CA GLY A 31 -14.70 0.19 -1.04
C GLY A 31 -15.84 1.16 -0.83
N HIS A 32 -15.83 2.26 -1.57
CA HIS A 32 -16.88 3.26 -1.46
C HIS A 32 -17.83 3.19 -2.67
N ALA A 33 -19.09 3.52 -2.43
CA ALA A 33 -20.09 3.50 -3.49
C ALA A 33 -20.53 4.91 -3.85
N GLY A 1 6.45 3.62 -1.60
CA GLY A 1 7.78 4.20 -1.45
C GLY A 1 7.72 5.68 -1.17
N VAL A 2 7.26 6.05 0.02
CA VAL A 2 7.16 7.46 0.41
C VAL A 2 7.26 7.61 1.92
N LEU A 3 6.54 6.76 2.64
CA LEU A 3 6.54 6.80 4.10
C LEU A 3 5.63 5.73 4.69
N GLY A 4 6.15 4.97 5.64
CA GLY A 4 5.36 3.92 6.26
C GLY A 4 6.22 2.89 6.96
N ASN A 5 6.03 1.62 6.61
CA ASN A 5 6.79 0.54 7.21
C ASN A 5 7.12 -0.53 6.18
N ASP A 6 6.09 -1.19 5.66
CA ASP A 6 6.26 -2.23 4.66
C ASP A 6 6.97 -1.69 3.43
N ALA A 7 7.06 -2.52 2.39
CA ALA A 7 7.71 -2.13 1.15
C ALA A 7 6.71 -2.06 0.00
N GLU A 8 6.51 -0.87 -0.55
CA GLU A 8 5.57 -0.67 -1.64
C GLU A 8 6.12 -1.29 -2.93
N GLY A 9 7.43 -1.54 -2.95
CA GLY A 9 8.05 -2.13 -4.12
C GLY A 9 9.50 -1.74 -4.25
N ILE A 10 9.90 -0.68 -3.55
CA ILE A 10 11.28 -0.21 -3.59
C ILE A 10 12.13 -0.89 -2.53
N THR A 11 13.45 -0.80 -2.68
CA THR A 11 14.37 -1.41 -1.73
C THR A 11 14.82 -0.40 -0.67
N LEU A 12 14.61 0.88 -0.96
CA LEU A 12 14.98 1.94 -0.03
C LEU A 12 14.43 1.67 1.37
N LEU A 13 14.92 2.42 2.35
CA LEU A 13 14.47 2.26 3.73
C LEU A 13 13.06 2.80 3.91
N PRO A 14 12.87 4.09 3.62
CA PRO A 14 11.57 4.76 3.74
C PRO A 14 10.57 4.27 2.70
N LEU A 15 9.74 3.31 3.07
CA LEU A 15 8.74 2.76 2.16
C LEU A 15 7.34 2.92 2.73
N CYS A 16 6.34 2.81 1.86
CA CYS A 16 4.95 2.95 2.28
C CYS A 16 4.52 1.75 3.12
N PHE A 17 3.42 1.91 3.86
CA PHE A 17 2.91 0.84 4.70
C PHE A 17 2.47 -0.36 3.87
N LYS A 18 2.16 -1.45 4.54
CA LYS A 18 1.73 -2.67 3.87
C LYS A 18 0.35 -2.48 3.23
N PRO A 19 -0.65 -2.14 4.06
CA PRO A 19 -2.02 -1.92 3.60
C PRO A 19 -2.15 -0.65 2.77
N ILE A 20 -1.11 0.18 2.78
CA ILE A 20 -1.11 1.42 2.03
C ILE A 20 -0.20 1.32 0.81
N CYS A 21 -0.50 2.11 -0.21
CA CYS A 21 0.29 2.12 -1.44
C CYS A 21 0.29 0.75 -2.09
N ILE A 22 -0.90 0.27 -2.45
CA ILE A 22 -1.04 -1.04 -3.08
C ILE A 22 -1.49 -0.90 -4.53
N PRO A 23 -0.82 -1.62 -5.44
CA PRO A 23 -1.13 -1.60 -6.87
C PRO A 23 -2.47 -2.27 -7.17
N THR A 24 -2.68 -3.45 -6.60
CA THR A 24 -3.91 -4.20 -6.81
C THR A 24 -5.10 -3.49 -6.20
N LEU A 25 -4.82 -2.58 -5.26
CA LEU A 25 -5.88 -1.82 -4.59
C LEU A 25 -6.79 -2.75 -3.80
N PRO A 26 -7.53 -2.18 -2.84
CA PRO A 26 -8.46 -2.93 -1.99
C PRO A 26 -9.68 -3.42 -2.76
N PRO A 27 -10.45 -4.33 -2.15
CA PRO A 27 -11.66 -4.89 -2.77
C PRO A 27 -12.78 -3.88 -2.88
N LEU A 28 -13.98 -4.36 -3.17
CA LEU A 28 -15.14 -3.48 -3.31
C LEU A 28 -16.26 -3.90 -2.34
N THR A 29 -15.86 -4.42 -1.18
CA THR A 29 -16.81 -4.85 -0.17
C THR A 29 -17.33 -3.67 0.64
N GLY A 30 -16.50 -2.64 0.77
CA GLY A 30 -16.89 -1.46 1.52
C GLY A 30 -17.23 -0.29 0.62
N GLY A 31 -17.52 -0.58 -0.64
CA GLY A 31 -17.85 0.48 -1.58
C GLY A 31 -19.31 0.44 -2.00
N HIS A 32 -19.92 -0.74 -1.92
CA HIS A 32 -21.32 -0.91 -2.29
C HIS A 32 -22.24 -0.49 -1.14
N ALA A 33 -23.54 -0.41 -1.42
CA ALA A 33 -24.51 -0.02 -0.42
C ALA A 33 -24.48 -0.99 0.77
N GLY A 1 4.98 3.83 -0.74
CA GLY A 1 6.11 4.60 -1.21
C GLY A 1 6.09 6.04 -0.72
N VAL A 2 6.02 6.22 0.59
CA VAL A 2 5.99 7.54 1.18
C VAL A 2 6.55 7.52 2.61
N LEU A 3 6.08 6.55 3.40
CA LEU A 3 6.52 6.42 4.78
C LEU A 3 5.80 5.27 5.48
N GLY A 4 6.56 4.43 6.17
CA GLY A 4 5.98 3.31 6.88
C GLY A 4 7.02 2.42 7.52
N ASN A 5 7.06 1.16 7.11
CA ASN A 5 8.01 0.20 7.66
C ASN A 5 8.35 -0.89 6.64
N ASP A 6 7.41 -1.80 6.44
CA ASP A 6 7.61 -2.90 5.49
C ASP A 6 7.82 -2.36 4.09
N ALA A 7 6.74 -2.13 3.36
CA ALA A 7 6.81 -1.62 2.00
C ALA A 7 5.44 -1.50 1.38
N GLU A 8 5.35 -0.78 0.26
CA GLU A 8 4.08 -0.59 -0.43
C GLU A 8 4.14 -1.16 -1.85
N GLY A 9 5.34 -1.50 -2.28
CA GLY A 9 5.52 -2.05 -3.62
C GLY A 9 6.84 -1.66 -4.23
N ILE A 10 7.41 -0.55 -3.77
CA ILE A 10 8.68 -0.06 -4.29
C ILE A 10 9.85 -0.66 -3.52
N THR A 11 11.05 -0.52 -4.07
CA THR A 11 12.25 -1.04 -3.43
C THR A 11 13.02 0.07 -2.71
N LEU A 12 12.70 1.31 -3.03
CA LEU A 12 13.35 2.46 -2.42
C LEU A 12 13.34 2.35 -0.90
N LEU A 13 14.11 3.21 -0.23
CA LEU A 13 14.18 3.20 1.23
C LEU A 13 12.88 3.72 1.84
N PRO A 14 12.51 4.96 1.50
CA PRO A 14 11.29 5.59 2.00
C PRO A 14 10.03 4.95 1.42
N LEU A 15 9.55 3.89 2.07
CA LEU A 15 8.35 3.19 1.61
C LEU A 15 7.26 3.26 2.67
N CYS A 16 6.11 2.67 2.36
CA CYS A 16 4.97 2.66 3.28
C CYS A 16 4.88 1.32 4.01
N PHE A 17 3.95 1.22 4.94
CA PHE A 17 3.74 0.00 5.71
C PHE A 17 3.25 -1.14 4.81
N LYS A 18 3.22 -2.34 5.36
CA LYS A 18 2.78 -3.51 4.60
C LYS A 18 1.30 -3.38 4.23
N PRO A 19 0.44 -3.24 5.24
CA PRO A 19 -1.00 -3.10 5.04
C PRO A 19 -1.37 -1.76 4.40
N ILE A 20 -0.76 -0.69 4.89
CA ILE A 20 -1.03 0.64 4.37
C ILE A 20 -0.42 0.82 2.98
N CYS A 21 -1.06 1.65 2.16
CA CYS A 21 -0.58 1.92 0.81
C CYS A 21 -0.59 0.64 -0.02
N ILE A 22 -1.74 -0.04 -0.05
CA ILE A 22 -1.87 -1.28 -0.81
C ILE A 22 -1.65 -1.04 -2.29
N PRO A 23 -0.84 -1.91 -2.93
CA PRO A 23 -0.54 -1.81 -4.35
C PRO A 23 -1.73 -2.16 -5.22
N THR A 24 -2.37 -3.28 -4.92
CA THR A 24 -3.53 -3.73 -5.68
C THR A 24 -4.82 -3.24 -5.04
N LEU A 25 -4.71 -2.21 -4.21
CA LEU A 25 -5.89 -1.65 -3.53
C LEU A 25 -6.53 -2.67 -2.60
N PRO A 26 -7.33 -2.18 -1.65
CA PRO A 26 -8.02 -3.04 -0.67
C PRO A 26 -9.11 -3.87 -1.32
N PRO A 27 -9.63 -4.86 -0.57
CA PRO A 27 -10.70 -5.74 -1.04
C PRO A 27 -12.03 -5.03 -1.17
N LEU A 28 -13.07 -5.78 -1.51
CA LEU A 28 -14.41 -5.20 -1.65
C LEU A 28 -14.41 -4.07 -2.67
N THR A 29 -13.94 -4.37 -3.88
CA THR A 29 -13.89 -3.38 -4.95
C THR A 29 -14.82 -3.74 -6.10
N GLY A 30 -15.85 -4.53 -5.79
CA GLY A 30 -16.80 -4.93 -6.81
C GLY A 30 -18.24 -4.67 -6.39
N GLY A 31 -18.41 -3.79 -5.41
CA GLY A 31 -19.75 -3.46 -4.95
C GLY A 31 -20.10 -2.01 -5.18
N HIS A 32 -19.42 -1.12 -4.47
CA HIS A 32 -19.67 0.32 -4.61
C HIS A 32 -19.62 0.75 -6.07
N ALA A 33 -18.81 0.04 -6.86
CA ALA A 33 -18.67 0.34 -8.28
C ALA A 33 -19.50 -0.61 -9.13
N GLY A 1 2.92 2.18 -1.34
CA GLY A 1 3.78 3.14 -2.00
C GLY A 1 3.24 4.55 -1.91
N VAL A 2 3.00 5.02 -0.69
CA VAL A 2 2.48 6.37 -0.47
C VAL A 2 2.87 6.88 0.91
N LEU A 3 2.68 6.05 1.93
CA LEU A 3 3.01 6.42 3.30
C LEU A 3 2.64 5.31 4.28
N GLY A 4 3.57 4.98 5.17
CA GLY A 4 3.33 3.93 6.14
C GLY A 4 4.54 3.64 7.00
N ASN A 5 5.03 2.41 6.93
CA ASN A 5 6.19 2.01 7.72
C ASN A 5 6.95 0.89 7.02
N ASP A 6 6.40 -0.32 7.08
CA ASP A 6 7.03 -1.48 6.45
C ASP A 6 7.19 -1.27 4.96
N ALA A 7 6.16 -1.61 4.20
CA ALA A 7 6.19 -1.47 2.75
C ALA A 7 4.90 -1.98 2.11
N GLU A 8 4.69 -1.63 0.85
CA GLU A 8 3.50 -2.07 0.13
C GLU A 8 3.87 -2.92 -1.08
N GLY A 9 5.16 -2.93 -1.41
CA GLY A 9 5.63 -3.70 -2.55
C GLY A 9 6.80 -3.04 -3.25
N ILE A 10 6.93 -1.73 -3.09
CA ILE A 10 8.03 -0.99 -3.71
C ILE A 10 9.24 -0.94 -2.79
N THR A 11 10.38 -0.52 -3.34
CA THR A 11 11.62 -0.42 -2.58
C THR A 11 11.91 1.02 -2.19
N LEU A 12 11.23 1.95 -2.84
CA LEU A 12 11.41 3.37 -2.56
C LEU A 12 11.29 3.65 -1.06
N LEU A 13 11.65 4.86 -0.66
CA LEU A 13 11.59 5.26 0.74
C LEU A 13 10.14 5.42 1.19
N PRO A 14 9.41 6.33 0.52
CA PRO A 14 8.01 6.61 0.83
C PRO A 14 7.09 5.45 0.44
N LEU A 15 6.94 4.50 1.35
CA LEU A 15 6.09 3.33 1.10
C LEU A 15 4.93 3.28 2.10
N CYS A 16 4.07 2.27 1.95
CA CYS A 16 2.93 2.10 2.84
C CYS A 16 3.21 1.03 3.89
N PHE A 17 2.27 0.87 4.82
CA PHE A 17 2.41 -0.12 5.87
C PHE A 17 2.42 -1.53 5.30
N LYS A 18 2.75 -2.50 6.13
CA LYS A 18 2.79 -3.90 5.71
C LYS A 18 1.39 -4.40 5.35
N PRO A 19 0.46 -4.33 6.31
CA PRO A 19 -0.92 -4.77 6.12
C PRO A 19 -1.69 -3.85 5.18
N ILE A 20 -1.47 -2.55 5.33
CA ILE A 20 -2.14 -1.57 4.49
C ILE A 20 -1.55 -1.53 3.09
N CYS A 21 -2.36 -1.11 2.12
CA CYS A 21 -1.90 -1.04 0.74
C CYS A 21 -1.46 -2.41 0.22
N ILE A 22 -2.38 -3.37 0.23
CA ILE A 22 -2.09 -4.71 -0.23
C ILE A 22 -2.06 -4.78 -1.76
N PRO A 23 -0.99 -5.40 -2.30
CA PRO A 23 -0.82 -5.56 -3.75
C PRO A 23 -1.82 -6.52 -4.36
N THR A 24 -2.03 -7.65 -3.69
CA THR A 24 -2.97 -8.66 -4.16
C THR A 24 -4.35 -8.06 -4.40
N LEU A 25 -4.64 -6.98 -3.68
CA LEU A 25 -5.93 -6.31 -3.81
C LEU A 25 -5.99 -5.47 -5.08
N PRO A 26 -7.21 -5.17 -5.54
CA PRO A 26 -7.44 -4.36 -6.74
C PRO A 26 -7.04 -2.90 -6.56
N PRO A 27 -6.97 -2.17 -7.67
CA PRO A 27 -6.59 -0.74 -7.65
C PRO A 27 -7.67 0.13 -7.03
N LEU A 28 -7.39 1.43 -6.93
CA LEU A 28 -8.34 2.36 -6.35
C LEU A 28 -8.61 2.04 -4.88
N THR A 29 -7.54 1.71 -4.15
CA THR A 29 -7.65 1.37 -2.74
C THR A 29 -8.30 2.51 -1.96
N GLY A 30 -8.08 3.74 -2.41
CA GLY A 30 -8.65 4.89 -1.74
C GLY A 30 -10.17 4.84 -1.70
N GLY A 31 -10.75 4.03 -2.57
CA GLY A 31 -12.20 3.91 -2.61
C GLY A 31 -12.79 3.58 -1.25
N HIS A 32 -12.87 2.29 -0.93
CA HIS A 32 -13.41 1.85 0.35
C HIS A 32 -12.30 1.58 1.34
N ALA A 33 -12.30 2.33 2.44
CA ALA A 33 -11.29 2.16 3.48
C ALA A 33 -11.48 0.85 4.24
N GLY A 1 6.50 3.57 -1.86
CA GLY A 1 7.74 4.31 -1.71
C GLY A 1 7.51 5.79 -1.42
N VAL A 2 7.17 6.09 -0.16
CA VAL A 2 6.92 7.47 0.24
C VAL A 2 7.19 7.66 1.73
N LEU A 3 6.67 6.74 2.54
CA LEU A 3 6.85 6.81 3.99
C LEU A 3 6.11 5.66 4.68
N GLY A 4 6.75 5.08 5.68
CA GLY A 4 6.14 3.98 6.41
C GLY A 4 7.16 2.97 6.93
N ASN A 5 6.90 1.70 6.69
CA ASN A 5 7.80 0.64 7.14
C ASN A 5 7.99 -0.40 6.04
N ASP A 6 6.90 -1.04 5.63
CA ASP A 6 6.94 -2.06 4.59
C ASP A 6 7.56 -1.50 3.31
N ALA A 7 7.66 -2.35 2.29
CA ALA A 7 8.23 -1.94 1.01
C ALA A 7 7.17 -1.98 -0.09
N GLU A 8 7.01 -0.85 -0.79
CA GLU A 8 6.03 -0.76 -1.86
C GLU A 8 6.60 -1.33 -3.16
N GLY A 9 7.84 -1.81 -3.09
CA GLY A 9 8.48 -2.37 -4.27
C GLY A 9 9.85 -1.77 -4.53
N ILE A 10 10.43 -1.16 -3.50
CA ILE A 10 11.74 -0.54 -3.62
C ILE A 10 12.67 -0.99 -2.48
N THR A 11 13.96 -1.02 -2.76
CA THR A 11 14.95 -1.42 -1.77
C THR A 11 15.21 -0.29 -0.77
N LEU A 12 14.91 0.94 -1.18
CA LEU A 12 15.11 2.10 -0.32
C LEU A 12 14.58 1.84 1.08
N LEU A 13 15.04 2.64 2.04
CA LEU A 13 14.60 2.49 3.42
C LEU A 13 13.19 3.05 3.61
N PRO A 14 13.01 4.34 3.31
CA PRO A 14 11.72 5.01 3.44
C PRO A 14 10.71 4.54 2.39
N LEU A 15 9.91 3.55 2.75
CA LEU A 15 8.92 3.00 1.85
C LEU A 15 7.52 3.09 2.45
N CYS A 16 6.50 2.82 1.64
CA CYS A 16 5.12 2.86 2.10
C CYS A 16 4.83 1.73 3.07
N PHE A 17 3.74 1.86 3.83
CA PHE A 17 3.36 0.85 4.81
C PHE A 17 2.94 -0.44 4.11
N LYS A 18 2.74 -1.50 4.89
CA LYS A 18 2.33 -2.78 4.35
C LYS A 18 0.91 -2.72 3.81
N PRO A 19 -0.04 -2.37 4.69
CA PRO A 19 -1.46 -2.26 4.32
C PRO A 19 -1.73 -1.07 3.39
N ILE A 20 -0.83 -0.09 3.41
CA ILE A 20 -0.97 1.09 2.57
C ILE A 20 -0.16 0.95 1.28
N CYS A 21 -0.58 1.69 0.26
CA CYS A 21 0.10 1.65 -1.03
C CYS A 21 0.00 0.26 -1.65
N ILE A 22 -1.22 -0.26 -1.76
CA ILE A 22 -1.45 -1.58 -2.34
C ILE A 22 -1.69 -1.48 -3.84
N PRO A 23 -1.00 -2.35 -4.60
CA PRO A 23 -1.14 -2.38 -6.07
C PRO A 23 -2.49 -2.91 -6.52
N THR A 24 -2.91 -4.03 -5.94
CA THR A 24 -4.18 -4.64 -6.29
C THR A 24 -5.34 -3.82 -5.74
N LEU A 25 -5.05 -2.94 -4.79
CA LEU A 25 -6.07 -2.09 -4.19
C LEU A 25 -7.12 -2.93 -3.46
N PRO A 26 -7.87 -2.30 -2.55
CA PRO A 26 -8.92 -2.97 -1.78
C PRO A 26 -10.12 -3.35 -2.65
N PRO A 27 -11.01 -4.18 -2.09
CA PRO A 27 -12.21 -4.63 -2.78
C PRO A 27 -13.24 -3.51 -2.98
N LEU A 28 -14.36 -3.85 -3.58
CA LEU A 28 -15.42 -2.87 -3.82
C LEU A 28 -16.70 -3.27 -3.10
N THR A 29 -16.61 -3.51 -1.80
CA THR A 29 -17.75 -3.90 -0.99
C THR A 29 -18.41 -2.68 -0.34
N GLY A 30 -17.60 -1.68 -0.01
CA GLY A 30 -18.12 -0.47 0.61
C GLY A 30 -19.17 0.21 -0.23
N GLY A 31 -19.14 -0.06 -1.54
CA GLY A 31 -20.10 0.54 -2.45
C GLY A 31 -21.42 -0.22 -2.48
N HIS A 32 -21.37 -1.47 -2.93
CA HIS A 32 -22.56 -2.30 -3.02
C HIS A 32 -22.70 -3.18 -1.78
N ALA A 33 -23.91 -3.28 -1.24
CA ALA A 33 -24.17 -4.08 -0.06
C ALA A 33 -24.52 -5.52 -0.45
N GLY A 1 5.59 4.77 -1.51
CA GLY A 1 6.87 5.41 -1.41
C GLY A 1 6.78 6.80 -0.79
N VAL A 2 6.61 6.83 0.53
CA VAL A 2 6.51 8.10 1.26
C VAL A 2 6.99 7.95 2.70
N LEU A 3 6.52 6.89 3.36
CA LEU A 3 6.90 6.63 4.74
C LEU A 3 6.20 5.37 5.27
N GLY A 4 6.94 4.58 6.04
CA GLY A 4 6.38 3.35 6.59
C GLY A 4 7.41 2.24 6.68
N ASN A 5 6.99 1.03 6.32
CA ASN A 5 7.88 -0.12 6.35
C ASN A 5 7.82 -0.91 5.05
N ASP A 6 6.61 -1.36 4.70
CA ASP A 6 6.42 -2.13 3.47
C ASP A 6 6.91 -1.35 2.26
N ALA A 7 6.80 -1.96 1.08
CA ALA A 7 7.23 -1.31 -0.15
C ALA A 7 6.05 -1.06 -1.09
N GLU A 8 5.89 0.20 -1.50
CA GLU A 8 4.80 0.57 -2.40
C GLU A 8 5.16 0.28 -3.85
N GLY A 9 6.35 -0.25 -4.06
CA GLY A 9 6.80 -0.57 -5.40
C GLY A 9 8.17 0.02 -5.71
N ILE A 10 8.92 0.34 -4.67
CA ILE A 10 10.24 0.92 -4.84
C ILE A 10 11.26 0.20 -3.96
N THR A 11 12.51 0.17 -4.42
CA THR A 11 13.59 -0.47 -3.67
C THR A 11 14.05 0.40 -2.51
N LEU A 12 13.80 1.69 -2.61
CA LEU A 12 14.20 2.63 -1.56
C LEU A 12 13.82 2.10 -0.19
N LEU A 13 14.46 2.65 0.85
CA LEU A 13 14.20 2.24 2.22
C LEU A 13 12.86 2.79 2.71
N PRO A 14 12.74 4.12 2.71
CA PRO A 14 11.51 4.80 3.16
C PRO A 14 10.36 4.61 2.18
N LEU A 15 9.54 3.58 2.44
CA LEU A 15 8.39 3.29 1.58
C LEU A 15 7.09 3.29 2.39
N CYS A 16 5.97 3.27 1.68
CA CYS A 16 4.67 3.26 2.33
C CYS A 16 4.50 2.02 3.21
N PHE A 17 3.56 2.09 4.15
CA PHE A 17 3.29 0.97 5.05
C PHE A 17 2.56 -0.15 4.32
N LYS A 18 2.49 -1.31 4.97
CA LYS A 18 1.81 -2.46 4.38
C LYS A 18 0.31 -2.23 4.29
N PRO A 19 -0.32 -1.97 5.45
CA PRO A 19 -1.76 -1.72 5.53
C PRO A 19 -2.15 -0.39 4.91
N ILE A 20 -1.20 0.53 4.84
CA ILE A 20 -1.44 1.85 4.27
C ILE A 20 -1.33 1.82 2.75
N CYS A 21 -0.52 0.90 2.24
CA CYS A 21 -0.32 0.76 0.80
C CYS A 21 -0.28 -0.71 0.40
N ILE A 22 -1.44 -1.26 0.06
CA ILE A 22 -1.55 -2.65 -0.35
C ILE A 22 -1.60 -2.77 -1.88
N PRO A 23 -0.79 -3.69 -2.42
CA PRO A 23 -0.73 -3.95 -3.87
C PRO A 23 -2.01 -4.59 -4.40
N THR A 24 -2.44 -5.65 -3.72
CA THR A 24 -3.65 -6.37 -4.12
C THR A 24 -4.88 -5.47 -4.05
N LEU A 25 -4.78 -4.41 -3.26
CA LEU A 25 -5.89 -3.47 -3.10
C LEU A 25 -7.12 -4.16 -2.54
N PRO A 26 -8.03 -3.37 -1.95
CA PRO A 26 -9.27 -3.89 -1.36
C PRO A 26 -10.24 -4.41 -2.42
N PRO A 27 -11.28 -5.12 -1.96
CA PRO A 27 -12.30 -5.69 -2.85
C PRO A 27 -13.19 -4.62 -3.47
N LEU A 28 -14.26 -5.05 -4.15
CA LEU A 28 -15.18 -4.12 -4.79
C LEU A 28 -16.29 -3.71 -3.83
N THR A 29 -16.65 -4.62 -2.92
CA THR A 29 -17.70 -4.35 -1.94
C THR A 29 -17.25 -3.31 -0.93
N GLY A 30 -15.95 -3.22 -0.71
CA GLY A 30 -15.41 -2.25 0.24
C GLY A 30 -15.76 -0.82 -0.14
N GLY A 31 -16.12 -0.62 -1.41
CA GLY A 31 -16.47 0.71 -1.87
C GLY A 31 -16.66 0.77 -3.37
N HIS A 32 -17.90 0.59 -3.82
CA HIS A 32 -18.21 0.61 -5.25
C HIS A 32 -19.17 1.75 -5.57
N ALA A 33 -20.14 1.98 -4.68
CA ALA A 33 -21.12 3.04 -4.87
C ALA A 33 -20.99 4.10 -3.79
N GLY A 1 5.34 4.41 -0.65
CA GLY A 1 6.54 5.07 -1.13
C GLY A 1 6.72 6.46 -0.53
N VAL A 2 6.81 6.51 0.80
CA VAL A 2 6.99 7.79 1.49
C VAL A 2 7.68 7.58 2.84
N LEU A 3 7.19 6.60 3.60
CA LEU A 3 7.76 6.31 4.91
C LEU A 3 6.96 5.22 5.61
N GLY A 4 7.67 4.23 6.16
CA GLY A 4 7.01 3.15 6.86
C GLY A 4 7.98 2.06 7.29
N ASN A 5 7.75 0.84 6.83
CA ASN A 5 8.60 -0.29 7.19
C ASN A 5 8.59 -1.35 6.09
N ASP A 6 7.44 -2.00 5.93
CA ASP A 6 7.29 -3.04 4.91
C ASP A 6 7.50 -2.46 3.50
N ALA A 7 6.42 -1.98 2.91
CA ALA A 7 6.49 -1.41 1.57
C ALA A 7 5.10 -1.02 1.07
N GLU A 8 5.05 -0.27 -0.03
CA GLU A 8 3.80 0.17 -0.61
C GLU A 8 3.67 -0.28 -2.06
N GLY A 9 4.76 -0.84 -2.59
CA GLY A 9 4.76 -1.31 -3.96
C GLY A 9 6.08 -1.10 -4.66
N ILE A 10 6.86 -0.15 -4.15
CA ILE A 10 8.16 0.16 -4.73
C ILE A 10 9.27 -0.68 -4.07
N THR A 11 10.45 -0.68 -4.69
CA THR A 11 11.57 -1.44 -4.17
C THR A 11 12.55 -0.52 -3.43
N LEU A 12 12.42 0.77 -3.66
CA LEU A 12 13.30 1.76 -3.01
C LEU A 12 13.35 1.53 -1.50
N LEU A 13 14.30 2.19 -0.85
CA LEU A 13 14.44 2.06 0.60
C LEU A 13 13.31 2.77 1.32
N PRO A 14 13.17 4.07 1.09
CA PRO A 14 12.12 4.89 1.72
C PRO A 14 10.73 4.54 1.19
N LEU A 15 10.11 3.53 1.78
CA LEU A 15 8.78 3.10 1.36
C LEU A 15 7.77 3.31 2.49
N CYS A 16 6.51 2.98 2.21
CA CYS A 16 5.44 3.12 3.20
C CYS A 16 5.16 1.79 3.88
N PHE A 17 4.40 1.85 4.99
CA PHE A 17 4.05 0.65 5.73
C PHE A 17 3.22 -0.30 4.87
N LYS A 18 3.03 -1.52 5.38
CA LYS A 18 2.25 -2.53 4.67
C LYS A 18 0.76 -2.20 4.70
N PRO A 19 0.21 -2.08 5.92
CA PRO A 19 -1.21 -1.77 6.13
C PRO A 19 -1.54 -0.34 5.74
N ILE A 20 -0.76 0.61 6.24
CA ILE A 20 -0.97 2.01 5.96
C ILE A 20 -1.13 2.25 4.46
N CYS A 21 -0.24 1.65 3.67
CA CYS A 21 -0.28 1.79 2.23
C CYS A 21 -0.34 0.43 1.54
N ILE A 22 -1.53 0.04 1.12
CA ILE A 22 -1.73 -1.24 0.46
C ILE A 22 -1.79 -1.08 -1.06
N PRO A 23 -1.05 -1.92 -1.78
CA PRO A 23 -1.00 -1.89 -3.24
C PRO A 23 -2.30 -2.36 -3.87
N THR A 24 -2.83 -3.49 -3.39
CA THR A 24 -4.07 -4.04 -3.91
C THR A 24 -5.26 -3.16 -3.52
N LEU A 25 -5.06 -2.31 -2.52
CA LEU A 25 -6.11 -1.41 -2.06
C LEU A 25 -7.28 -2.21 -1.50
N PRO A 26 -8.12 -1.54 -0.68
CA PRO A 26 -9.30 -2.17 -0.06
C PRO A 26 -10.38 -2.48 -1.09
N PRO A 27 -11.38 -3.28 -0.66
CA PRO A 27 -12.50 -3.68 -1.52
C PRO A 27 -13.43 -2.50 -1.83
N LEU A 28 -14.53 -2.80 -2.52
CA LEU A 28 -15.50 -1.78 -2.89
C LEU A 28 -16.84 -2.02 -2.19
N THR A 29 -17.29 -3.27 -2.24
CA THR A 29 -18.57 -3.64 -1.61
C THR A 29 -19.69 -2.75 -2.10
N GLY A 30 -19.72 -2.48 -3.40
CA GLY A 30 -20.76 -1.63 -3.96
C GLY A 30 -20.50 -1.29 -5.42
N GLY A 31 -19.22 -1.05 -5.75
CA GLY A 31 -18.87 -0.71 -7.12
C GLY A 31 -18.49 -1.92 -7.93
N HIS A 32 -17.85 -2.90 -7.29
CA HIS A 32 -17.43 -4.12 -7.96
C HIS A 32 -18.26 -5.30 -7.51
N ALA A 33 -19.48 -5.41 -8.04
CA ALA A 33 -20.36 -6.50 -7.68
C ALA A 33 -20.35 -7.60 -8.75
N GLY A 1 6.44 5.31 -1.64
CA GLY A 1 7.83 5.73 -1.77
C GLY A 1 8.07 7.10 -1.20
N VAL A 2 7.81 7.26 0.10
CA VAL A 2 8.01 8.54 0.77
C VAL A 2 8.27 8.35 2.25
N LEU A 3 7.45 7.53 2.90
CA LEU A 3 7.60 7.25 4.32
C LEU A 3 6.45 6.38 4.84
N GLY A 4 6.79 5.39 5.65
CA GLY A 4 5.78 4.50 6.20
C GLY A 4 6.37 3.42 7.08
N ASN A 5 6.29 2.18 6.63
CA ASN A 5 6.82 1.05 7.39
C ASN A 5 7.32 -0.05 6.46
N ASP A 6 6.38 -0.79 5.88
CA ASP A 6 6.72 -1.88 4.97
C ASP A 6 7.26 -1.33 3.65
N ALA A 7 6.35 -0.92 2.77
CA ALA A 7 6.74 -0.38 1.47
C ALA A 7 5.51 0.03 0.66
N GLU A 8 5.72 0.85 -0.37
CA GLU A 8 4.63 1.31 -1.21
C GLU A 8 4.66 0.60 -2.56
N GLY A 9 5.83 0.07 -2.93
CA GLY A 9 5.95 -0.62 -4.20
C GLY A 9 7.31 -0.40 -4.84
N ILE A 10 7.90 0.76 -4.57
CA ILE A 10 9.21 1.10 -5.13
C ILE A 10 10.30 0.19 -4.56
N THR A 11 11.41 0.09 -5.28
CA THR A 11 12.53 -0.74 -4.84
C THR A 11 12.96 -0.39 -3.43
N LEU A 12 12.74 0.86 -3.05
CA LEU A 12 13.10 1.34 -1.71
C LEU A 12 12.33 0.57 -0.64
N LEU A 13 13.01 0.27 0.47
CA LEU A 13 12.38 -0.45 1.57
C LEU A 13 11.55 0.49 2.44
N PRO A 14 12.21 1.54 2.97
CA PRO A 14 11.54 2.52 3.83
C PRO A 14 10.57 3.41 3.05
N LEU A 15 9.36 2.91 2.85
CA LEU A 15 8.34 3.66 2.12
C LEU A 15 7.00 3.59 2.84
N CYS A 16 5.93 3.98 2.14
CA CYS A 16 4.60 3.97 2.72
C CYS A 16 4.35 2.68 3.48
N PHE A 17 3.42 2.73 4.43
CA PHE A 17 3.08 1.56 5.25
C PHE A 17 2.50 0.45 4.38
N LYS A 18 2.40 -0.75 4.96
CA LYS A 18 1.86 -1.90 4.24
C LYS A 18 0.38 -1.71 3.93
N PRO A 19 -0.43 -1.51 4.98
CA PRO A 19 -1.87 -1.30 4.86
C PRO A 19 -2.21 0.04 4.22
N ILE A 20 -1.60 1.10 4.72
CA ILE A 20 -1.83 2.45 4.21
C ILE A 20 -1.52 2.52 2.71
N CYS A 21 -0.69 1.60 2.24
CA CYS A 21 -0.31 1.56 0.83
C CYS A 21 -0.16 0.12 0.36
N ILE A 22 -1.25 -0.46 -0.15
CA ILE A 22 -1.23 -1.83 -0.63
C ILE A 22 -1.22 -1.86 -2.16
N PRO A 23 -0.32 -2.70 -2.72
CA PRO A 23 -0.19 -2.84 -4.18
C PRO A 23 -1.39 -3.55 -4.80
N THR A 24 -1.79 -4.66 -4.21
CA THR A 24 -2.92 -5.43 -4.70
C THR A 24 -4.23 -4.71 -4.44
N LEU A 25 -4.17 -3.66 -3.63
CA LEU A 25 -5.36 -2.89 -3.29
C LEU A 25 -6.39 -3.75 -2.57
N PRO A 26 -7.33 -3.09 -1.86
CA PRO A 26 -8.38 -3.78 -1.12
C PRO A 26 -9.40 -4.44 -2.04
N PRO A 27 -10.25 -5.30 -1.46
CA PRO A 27 -11.29 -6.02 -2.20
C PRO A 27 -12.40 -5.09 -2.69
N LEU A 28 -13.29 -5.63 -3.52
CA LEU A 28 -14.40 -4.85 -4.05
C LEU A 28 -15.70 -5.17 -3.31
N THR A 29 -15.56 -5.69 -2.09
CA THR A 29 -16.72 -6.04 -1.27
C THR A 29 -17.26 -4.81 -0.55
N GLY A 30 -16.40 -3.82 -0.33
CA GLY A 30 -16.81 -2.61 0.36
C GLY A 30 -16.81 -1.41 -0.55
N GLY A 31 -16.05 -1.47 -1.63
CA GLY A 31 -15.98 -0.37 -2.57
C GLY A 31 -17.33 -0.03 -3.16
N HIS A 32 -18.22 -1.01 -3.21
CA HIS A 32 -19.56 -0.81 -3.76
C HIS A 32 -20.63 -1.15 -2.73
N ALA A 33 -21.42 -0.14 -2.36
CA ALA A 33 -22.48 -0.34 -1.38
C ALA A 33 -23.83 -0.53 -2.07
N GLY A 1 5.65 4.45 -1.47
CA GLY A 1 6.94 5.11 -1.39
C GLY A 1 6.83 6.54 -0.89
N VAL A 2 6.58 6.70 0.40
CA VAL A 2 6.46 8.03 1.00
C VAL A 2 6.84 8.01 2.48
N LEU A 3 6.35 7.00 3.19
CA LEU A 3 6.63 6.85 4.61
C LEU A 3 5.94 5.63 5.19
N GLY A 4 6.66 4.90 6.05
CA GLY A 4 6.09 3.71 6.66
C GLY A 4 7.13 2.63 6.89
N ASN A 5 6.77 1.39 6.59
CA ASN A 5 7.67 0.26 6.77
C ASN A 5 7.69 -0.64 5.53
N ASP A 6 6.51 -1.13 5.16
CA ASP A 6 6.38 -2.00 4.00
C ASP A 6 6.90 -1.31 2.74
N ALA A 7 6.82 -2.00 1.61
CA ALA A 7 7.29 -1.45 0.35
C ALA A 7 6.13 -1.28 -0.63
N GLU A 8 5.99 -0.07 -1.18
CA GLU A 8 4.92 0.22 -2.13
C GLU A 8 5.35 -0.14 -3.55
N GLY A 9 6.52 -0.75 -3.68
CA GLY A 9 7.03 -1.13 -4.98
C GLY A 9 8.39 -0.52 -5.29
N ILE A 10 9.09 -0.12 -4.23
CA ILE A 10 10.41 0.49 -4.39
C ILE A 10 11.45 -0.22 -3.54
N THR A 11 12.72 -0.02 -3.86
CA THR A 11 13.82 -0.64 -3.12
C THR A 11 14.27 0.25 -1.97
N LEU A 12 13.99 1.54 -2.07
CA LEU A 12 14.37 2.49 -1.03
C LEU A 12 13.92 2.01 0.35
N LEU A 13 14.52 2.57 1.39
CA LEU A 13 14.18 2.19 2.75
C LEU A 13 12.82 2.77 3.15
N PRO A 14 12.70 4.10 3.11
CA PRO A 14 11.46 4.80 3.45
C PRO A 14 10.36 4.57 2.42
N LEU A 15 9.51 3.59 2.69
CA LEU A 15 8.41 3.26 1.78
C LEU A 15 7.07 3.32 2.52
N CYS A 16 5.99 3.18 1.77
CA CYS A 16 4.65 3.21 2.34
C CYS A 16 4.38 1.96 3.18
N PHE A 17 3.44 2.08 4.11
CA PHE A 17 3.09 0.96 4.99
C PHE A 17 2.41 -0.16 4.20
N LYS A 18 2.24 -1.30 4.84
CA LYS A 18 1.60 -2.45 4.20
C LYS A 18 0.13 -2.17 3.93
N PRO A 19 -0.62 -1.89 5.00
CA PRO A 19 -2.06 -1.61 4.90
C PRO A 19 -2.34 -0.27 4.23
N ILE A 20 -1.64 0.78 4.67
CA ILE A 20 -1.82 2.11 4.10
C ILE A 20 -1.67 2.08 2.58
N CYS A 21 -0.74 1.26 2.10
CA CYS A 21 -0.51 1.14 0.66
C CYS A 21 -0.46 -0.32 0.24
N ILE A 22 -1.59 -0.83 -0.24
CA ILE A 22 -1.67 -2.21 -0.68
C ILE A 22 -1.64 -2.31 -2.21
N PRO A 23 -0.79 -3.23 -2.72
CA PRO A 23 -0.65 -3.45 -4.16
C PRO A 23 -1.89 -4.08 -4.78
N THR A 24 -2.38 -5.14 -4.15
CA THR A 24 -3.57 -5.84 -4.64
C THR A 24 -4.79 -4.94 -4.60
N LEU A 25 -4.74 -3.91 -3.77
CA LEU A 25 -5.85 -2.97 -3.63
C LEU A 25 -7.10 -3.67 -3.11
N PRO A 26 -7.96 -2.91 -2.43
CA PRO A 26 -9.20 -3.43 -1.86
C PRO A 26 -10.23 -3.81 -2.94
N PRO A 27 -10.49 -5.11 -3.08
CA PRO A 27 -11.45 -5.63 -4.06
C PRO A 27 -12.89 -5.26 -3.72
N LEU A 28 -13.80 -5.54 -4.65
CA LEU A 28 -15.21 -5.25 -4.45
C LEU A 28 -15.43 -3.75 -4.22
N THR A 29 -14.45 -2.96 -4.65
CA THR A 29 -14.53 -1.51 -4.50
C THR A 29 -15.83 -0.96 -5.10
N GLY A 30 -16.20 -1.50 -6.26
CA GLY A 30 -17.42 -1.06 -6.92
C GLY A 30 -18.65 -1.30 -6.08
N GLY A 31 -18.54 -2.21 -5.10
CA GLY A 31 -19.67 -2.51 -4.23
C GLY A 31 -19.89 -1.45 -3.17
N HIS A 32 -19.08 -1.48 -2.12
CA HIS A 32 -19.19 -0.53 -1.04
C HIS A 32 -17.86 0.20 -0.80
N ALA A 33 -17.93 1.48 -0.50
CA ALA A 33 -16.73 2.28 -0.25
C ALA A 33 -16.00 1.80 0.99
N GLY A 1 4.05 3.71 -1.17
CA GLY A 1 5.12 4.56 -1.64
C GLY A 1 4.91 6.02 -1.26
N VAL A 2 4.82 6.28 0.05
CA VAL A 2 4.63 7.63 0.54
C VAL A 2 5.16 7.78 1.96
N LEU A 3 4.82 6.83 2.82
CA LEU A 3 5.27 6.85 4.21
C LEU A 3 4.66 5.69 5.00
N GLY A 4 5.51 4.98 5.73
CA GLY A 4 5.05 3.85 6.52
C GLY A 4 6.18 3.08 7.17
N ASN A 5 6.32 1.81 6.81
CA ASN A 5 7.37 0.97 7.36
C ASN A 5 7.65 -0.21 6.45
N ASP A 6 6.72 -1.16 6.41
CA ASP A 6 6.87 -2.35 5.57
C ASP A 6 7.10 -1.96 4.12
N ALA A 7 6.01 -1.80 3.38
CA ALA A 7 6.08 -1.43 1.97
C ALA A 7 4.70 -1.40 1.33
N GLU A 8 4.61 -0.80 0.15
CA GLU A 8 3.34 -0.71 -0.56
C GLU A 8 3.43 -1.36 -1.94
N GLY A 9 4.66 -1.74 -2.32
CA GLY A 9 4.86 -2.36 -3.62
C GLY A 9 6.17 -1.97 -4.26
N ILE A 10 6.70 -0.81 -3.84
CA ILE A 10 7.97 -0.32 -4.38
C ILE A 10 9.15 -0.80 -3.55
N THR A 11 10.35 -0.64 -4.10
CA THR A 11 11.56 -1.06 -3.40
C THR A 11 12.26 0.12 -2.74
N LEU A 12 11.88 1.33 -3.14
CA LEU A 12 12.46 2.54 -2.58
C LEU A 12 12.43 2.51 -1.06
N LEU A 13 13.16 3.44 -0.44
CA LEU A 13 13.21 3.52 1.01
C LEU A 13 11.89 4.03 1.58
N PRO A 14 11.52 5.25 1.16
CA PRO A 14 10.27 5.89 1.62
C PRO A 14 9.03 5.20 1.05
N LEU A 15 8.57 4.16 1.74
CA LEU A 15 7.39 3.42 1.31
C LEU A 15 6.26 3.54 2.34
N CYS A 16 5.15 2.86 2.08
CA CYS A 16 4.01 2.89 2.97
C CYS A 16 4.04 1.70 3.94
N PHE A 17 3.00 1.58 4.76
CA PHE A 17 2.91 0.50 5.72
C PHE A 17 2.43 -0.79 5.05
N LYS A 18 2.45 -1.88 5.81
CA LYS A 18 2.02 -3.18 5.29
C LYS A 18 0.50 -3.23 5.16
N PRO A 19 -0.20 -3.02 6.29
CA PRO A 19 -1.67 -3.04 6.32
C PRO A 19 -2.28 -1.85 5.60
N ILE A 20 -1.79 -0.66 5.93
CA ILE A 20 -2.29 0.56 5.32
C ILE A 20 -2.37 0.42 3.80
N CYS A 21 -1.22 0.40 3.13
CA CYS A 21 -1.16 0.27 1.69
C CYS A 21 -0.81 -1.16 1.29
N ILE A 22 -1.75 -1.85 0.65
CA ILE A 22 -1.53 -3.22 0.21
C ILE A 22 -1.39 -3.30 -1.30
N PRO A 23 -0.37 -4.02 -1.76
CA PRO A 23 -0.10 -4.19 -3.19
C PRO A 23 -1.15 -5.06 -3.87
N THR A 24 -1.56 -6.13 -3.19
CA THR A 24 -2.54 -7.05 -3.73
C THR A 24 -3.94 -6.71 -3.23
N LEU A 25 -4.14 -5.44 -2.85
CA LEU A 25 -5.44 -4.98 -2.36
C LEU A 25 -6.55 -5.38 -3.31
N PRO A 26 -7.77 -5.51 -2.77
CA PRO A 26 -8.96 -5.89 -3.55
C PRO A 26 -9.38 -4.78 -4.51
N PRO A 27 -10.29 -5.13 -5.45
CA PRO A 27 -10.80 -4.18 -6.44
C PRO A 27 -11.71 -3.13 -5.82
N LEU A 28 -12.31 -2.30 -6.67
CA LEU A 28 -13.21 -1.25 -6.20
C LEU A 28 -12.55 -0.41 -5.11
N THR A 29 -11.22 -0.31 -5.18
CA THR A 29 -10.47 0.47 -4.20
C THR A 29 -11.03 1.88 -4.07
N GLY A 30 -11.49 2.44 -5.19
CA GLY A 30 -12.04 3.77 -5.17
C GLY A 30 -13.55 3.78 -5.30
N GLY A 31 -14.21 2.92 -4.54
CA GLY A 31 -15.66 2.84 -4.60
C GLY A 31 -16.25 2.30 -3.31
N HIS A 32 -15.82 1.12 -2.90
CA HIS A 32 -16.31 0.49 -1.69
C HIS A 32 -15.16 0.00 -0.82
N ALA A 33 -14.48 0.95 -0.16
CA ALA A 33 -13.35 0.60 0.70
C ALA A 33 -13.76 -0.41 1.76
N GLY A 1 6.45 5.25 -1.59
CA GLY A 1 7.84 5.51 -1.87
C GLY A 1 8.30 6.87 -1.35
N VAL A 2 8.16 7.08 -0.04
CA VAL A 2 8.55 8.34 0.57
C VAL A 2 8.91 8.14 2.04
N LEU A 3 8.06 7.42 2.76
CA LEU A 3 8.28 7.16 4.18
C LEU A 3 7.09 6.43 4.79
N GLY A 4 7.39 5.41 5.60
CA GLY A 4 6.33 4.64 6.24
C GLY A 4 6.87 3.55 7.14
N ASN A 5 6.61 2.30 6.76
CA ASN A 5 7.07 1.15 7.52
C ASN A 5 7.46 0.00 6.61
N ASP A 6 6.45 -0.67 6.06
CA ASP A 6 6.69 -1.80 5.16
C ASP A 6 7.16 -1.31 3.80
N ALA A 7 6.21 -0.87 2.97
CA ALA A 7 6.54 -0.38 1.63
C ALA A 7 5.29 0.11 0.92
N GLU A 8 5.49 0.89 -0.15
CA GLU A 8 4.37 1.41 -0.92
C GLU A 8 4.23 0.68 -2.25
N GLY A 9 5.32 0.06 -2.69
CA GLY A 9 5.30 -0.67 -3.95
C GLY A 9 6.60 -0.56 -4.71
N ILE A 10 7.31 0.54 -4.50
CA ILE A 10 8.59 0.76 -5.17
C ILE A 10 9.65 -0.22 -4.67
N THR A 11 10.68 -0.42 -5.48
CA THR A 11 11.77 -1.32 -5.12
C THR A 11 12.34 -0.98 -3.74
N LEU A 12 12.25 0.29 -3.38
CA LEU A 12 12.76 0.76 -2.09
C LEU A 12 12.03 0.08 -0.94
N LEU A 13 12.76 -0.25 0.12
CA LEU A 13 12.18 -0.90 1.29
C LEU A 13 11.49 0.13 2.19
N PRO A 14 12.26 1.12 2.65
CA PRO A 14 11.74 2.18 3.52
C PRO A 14 10.78 3.12 2.80
N LEU A 15 9.51 2.71 2.72
CA LEU A 15 8.50 3.52 2.04
C LEU A 15 7.21 3.57 2.87
N CYS A 16 6.14 4.06 2.26
CA CYS A 16 4.85 4.16 2.93
C CYS A 16 4.55 2.88 3.72
N PHE A 17 3.73 3.01 4.76
CA PHE A 17 3.36 1.88 5.58
C PHE A 17 2.70 0.78 4.74
N LYS A 18 2.50 -0.38 5.35
CA LYS A 18 1.88 -1.51 4.66
C LYS A 18 0.42 -1.22 4.36
N PRO A 19 -0.37 -0.95 5.42
CA PRO A 19 -1.80 -0.65 5.30
C PRO A 19 -2.05 0.70 4.64
N ILE A 20 -1.37 1.73 5.12
CA ILE A 20 -1.52 3.08 4.58
C ILE A 20 -1.28 3.09 3.07
N CYS A 21 -0.49 2.13 2.59
CA CYS A 21 -0.18 2.03 1.18
C CYS A 21 -0.03 0.57 0.75
N ILE A 22 -1.12 -0.02 0.28
CA ILE A 22 -1.10 -1.41 -0.17
C ILE A 22 -0.99 -1.50 -1.68
N PRO A 23 -0.08 -2.37 -2.15
CA PRO A 23 0.16 -2.59 -3.58
C PRO A 23 -1.00 -3.29 -4.26
N THR A 24 -1.47 -4.38 -3.65
CA THR A 24 -2.58 -5.14 -4.20
C THR A 24 -3.88 -4.35 -4.11
N LEU A 25 -3.91 -3.35 -3.24
CA LEU A 25 -5.10 -2.52 -3.07
C LEU A 25 -6.27 -3.36 -2.59
N PRO A 26 -7.28 -2.69 -1.99
CA PRO A 26 -8.49 -3.35 -1.49
C PRO A 26 -9.38 -3.87 -2.61
N PRO A 27 -10.35 -4.71 -2.24
CA PRO A 27 -11.30 -5.29 -3.20
C PRO A 27 -12.25 -4.26 -3.78
N LEU A 28 -13.12 -4.70 -4.68
CA LEU A 28 -14.10 -3.82 -5.32
C LEU A 28 -15.52 -4.23 -4.98
N THR A 29 -15.71 -5.53 -4.75
CA THR A 29 -17.02 -6.07 -4.42
C THR A 29 -17.52 -5.53 -3.08
N GLY A 30 -16.58 -5.24 -2.19
CA GLY A 30 -16.93 -4.71 -0.88
C GLY A 30 -17.22 -3.23 -0.90
N GLY A 31 -16.74 -2.55 -1.95
CA GLY A 31 -16.97 -1.12 -2.07
C GLY A 31 -18.43 -0.75 -1.95
N HIS A 32 -19.30 -1.68 -2.33
CA HIS A 32 -20.75 -1.46 -2.26
C HIS A 32 -21.43 -2.51 -1.40
N ALA A 33 -22.72 -2.32 -1.14
CA ALA A 33 -23.48 -3.26 -0.33
C ALA A 33 -23.80 -4.53 -1.12
N GLY A 1 5.61 5.47 -1.15
CA GLY A 1 6.97 5.76 -1.59
C GLY A 1 7.51 7.04 -1.00
N VAL A 2 7.57 7.10 0.34
CA VAL A 2 8.05 8.28 1.03
C VAL A 2 8.62 7.91 2.40
N LEU A 3 7.85 7.12 3.15
CA LEU A 3 8.27 6.69 4.48
C LEU A 3 7.17 5.90 5.16
N GLY A 4 7.56 4.79 5.80
CA GLY A 4 6.59 3.96 6.49
C GLY A 4 7.23 2.77 7.18
N ASN A 5 6.91 1.57 6.72
CA ASN A 5 7.45 0.35 7.30
C ASN A 5 7.65 -0.72 6.24
N ASP A 6 6.53 -1.24 5.72
CA ASP A 6 6.58 -2.26 4.69
C ASP A 6 6.86 -1.66 3.32
N ALA A 7 5.83 -1.10 2.70
CA ALA A 7 5.97 -0.48 1.39
C ALA A 7 4.64 0.11 0.91
N GLU A 8 4.72 0.99 -0.08
CA GLU A 8 3.52 1.63 -0.62
C GLU A 8 3.16 1.05 -1.99
N GLY A 9 4.15 0.46 -2.64
CA GLY A 9 3.91 -0.13 -3.95
C GLY A 9 5.11 0.04 -4.88
N ILE A 10 5.87 1.11 -4.68
CA ILE A 10 7.04 1.39 -5.49
C ILE A 10 8.13 0.35 -5.27
N THR A 11 9.02 0.22 -6.24
CA THR A 11 10.12 -0.75 -6.14
C THR A 11 10.88 -0.57 -4.85
N LEU A 12 10.90 0.65 -4.33
CA LEU A 12 11.61 0.95 -3.08
C LEU A 12 11.03 0.15 -1.92
N LEU A 13 11.90 -0.29 -1.02
CA LEU A 13 11.47 -1.06 0.13
C LEU A 13 10.96 -0.15 1.24
N PRO A 14 11.82 0.77 1.70
CA PRO A 14 11.47 1.73 2.75
C PRO A 14 10.45 2.77 2.29
N LEU A 15 9.18 2.40 2.34
CA LEU A 15 8.11 3.29 1.93
C LEU A 15 6.95 3.26 2.94
N CYS A 16 5.82 3.84 2.54
CA CYS A 16 4.65 3.87 3.41
C CYS A 16 4.39 2.51 4.04
N PHE A 17 3.77 2.51 5.21
CA PHE A 17 3.47 1.28 5.92
C PHE A 17 2.68 0.32 5.03
N LYS A 18 2.52 -0.91 5.49
CA LYS A 18 1.79 -1.92 4.74
C LYS A 18 0.30 -1.57 4.66
N PRO A 19 -0.34 -1.41 5.82
CA PRO A 19 -1.76 -1.06 5.90
C PRO A 19 -2.03 0.37 5.45
N ILE A 20 -1.27 1.31 5.98
CA ILE A 20 -1.43 2.71 5.63
C ILE A 20 -1.40 2.91 4.11
N CYS A 21 -0.71 2.01 3.42
CA CYS A 21 -0.62 2.08 1.96
C CYS A 21 -0.59 0.69 1.36
N ILE A 22 -1.77 0.15 1.04
CA ILE A 22 -1.88 -1.17 0.46
C ILE A 22 -2.05 -1.08 -1.06
N PRO A 23 -1.28 -1.91 -1.78
CA PRO A 23 -1.32 -1.95 -3.25
C PRO A 23 -2.62 -2.55 -3.77
N THR A 24 -2.99 -3.70 -3.21
CA THR A 24 -4.21 -4.39 -3.63
C THR A 24 -5.44 -3.54 -3.33
N LEU A 25 -5.31 -2.61 -2.39
CA LEU A 25 -6.41 -1.72 -2.02
C LEU A 25 -7.58 -2.53 -1.46
N PRO A 26 -8.45 -1.86 -0.71
CA PRO A 26 -9.63 -2.49 -0.10
C PRO A 26 -10.67 -2.87 -1.15
N PRO A 27 -11.66 -3.69 -0.72
CA PRO A 27 -12.75 -4.14 -1.60
C PRO A 27 -13.70 -3.02 -1.99
N LEU A 28 -14.68 -3.34 -2.81
CA LEU A 28 -15.66 -2.35 -3.26
C LEU A 28 -14.99 -1.21 -4.01
N THR A 29 -13.77 -1.47 -4.49
CA THR A 29 -13.02 -0.47 -5.24
C THR A 29 -13.06 -0.75 -6.74
N GLY A 30 -14.23 -0.57 -7.34
CA GLY A 30 -14.37 -0.81 -8.77
C GLY A 30 -15.06 -2.13 -9.06
N GLY A 31 -15.86 -2.60 -8.11
CA GLY A 31 -16.57 -3.86 -8.30
C GLY A 31 -15.75 -5.05 -7.85
N HIS A 32 -14.88 -4.85 -6.87
CA HIS A 32 -14.04 -5.92 -6.35
C HIS A 32 -14.88 -6.98 -5.65
N ALA A 33 -15.12 -8.09 -6.34
CA ALA A 33 -15.91 -9.18 -5.77
C ALA A 33 -17.32 -8.70 -5.41
N GLY A 1 6.34 3.53 -1.35
CA GLY A 1 7.75 3.83 -1.45
C GLY A 1 8.06 5.30 -1.20
N VAL A 2 7.64 5.80 -0.04
CA VAL A 2 7.87 7.18 0.32
C VAL A 2 7.89 7.36 1.84
N LEU A 3 6.91 6.77 2.51
CA LEU A 3 6.82 6.86 3.96
C LEU A 3 5.57 6.15 4.47
N GLY A 4 5.75 5.31 5.50
CA GLY A 4 4.63 4.59 6.07
C GLY A 4 5.05 3.64 7.16
N ASN A 5 4.77 2.35 6.98
CA ASN A 5 5.13 1.33 7.96
C ASN A 5 5.35 -0.02 7.28
N ASP A 6 4.27 -0.65 6.85
CA ASP A 6 4.35 -1.94 6.19
C ASP A 6 5.19 -1.85 4.91
N ALA A 7 4.53 -1.51 3.81
CA ALA A 7 5.22 -1.38 2.53
C ALA A 7 4.24 -1.03 1.42
N GLU A 8 4.77 -0.64 0.27
CA GLU A 8 3.93 -0.27 -0.88
C GLU A 8 4.25 -1.15 -2.08
N GLY A 9 5.32 -1.93 -1.98
CA GLY A 9 5.71 -2.81 -3.07
C GLY A 9 7.21 -2.96 -3.18
N ILE A 10 7.95 -1.97 -2.67
CA ILE A 10 9.40 -2.00 -2.71
C ILE A 10 9.98 -2.68 -1.49
N THR A 11 11.27 -3.01 -1.55
CA THR A 11 11.95 -3.66 -0.43
C THR A 11 12.77 -2.67 0.38
N LEU A 12 13.01 -1.50 -0.20
CA LEU A 12 13.79 -0.46 0.47
C LEU A 12 13.25 -0.21 1.87
N LEU A 13 14.02 0.54 2.66
CA LEU A 13 13.61 0.87 4.03
C LEU A 13 12.45 1.86 4.03
N PRO A 14 12.67 3.03 3.42
CA PRO A 14 11.65 4.08 3.34
C PRO A 14 10.50 3.70 2.40
N LEU A 15 9.51 3.00 2.94
CA LEU A 15 8.35 2.57 2.16
C LEU A 15 7.07 3.19 2.70
N CYS A 16 5.95 2.88 2.05
CA CYS A 16 4.66 3.41 2.46
C CYS A 16 3.87 2.36 3.25
N PHE A 17 2.73 2.77 3.78
CA PHE A 17 1.88 1.87 4.55
C PHE A 17 1.32 0.75 3.68
N LYS A 18 0.71 -0.25 4.31
CA LYS A 18 0.13 -1.37 3.58
C LYS A 18 -1.07 -0.93 2.77
N PRO A 19 -2.08 -0.38 3.46
CA PRO A 19 -3.31 0.10 2.81
C PRO A 19 -3.08 1.33 1.95
N ILE A 20 -1.94 1.99 2.17
CA ILE A 20 -1.60 3.19 1.42
C ILE A 20 -0.57 2.88 0.33
N CYS A 21 -0.60 3.67 -0.74
CA CYS A 21 0.34 3.49 -1.85
C CYS A 21 0.17 2.11 -2.47
N ILE A 22 -1.02 1.84 -3.00
CA ILE A 22 -1.30 0.55 -3.63
C ILE A 22 -1.30 0.68 -5.16
N PRO A 23 -0.61 -0.26 -5.82
CA PRO A 23 -0.51 -0.29 -7.28
C PRO A 23 -1.83 -0.65 -7.94
N THR A 24 -2.48 -1.68 -7.44
CA THR A 24 -3.76 -2.13 -7.98
C THR A 24 -4.92 -1.37 -7.36
N LEU A 25 -4.60 -0.39 -6.52
CA LEU A 25 -5.61 0.41 -5.86
C LEU A 25 -6.51 -0.45 -4.97
N PRO A 26 -7.21 0.20 -4.02
CA PRO A 26 -8.11 -0.49 -3.10
C PRO A 26 -9.35 -1.03 -3.80
N PRO A 27 -9.46 -2.36 -3.87
CA PRO A 27 -10.60 -3.03 -4.51
C PRO A 27 -11.89 -2.87 -3.70
N LEU A 28 -12.96 -3.52 -4.16
CA LEU A 28 -14.25 -3.45 -3.49
C LEU A 28 -14.60 -4.79 -2.85
N THR A 29 -14.23 -5.88 -3.54
CA THR A 29 -14.52 -7.22 -3.04
C THR A 29 -13.74 -7.51 -1.76
N GLY A 30 -12.47 -7.10 -1.74
CA GLY A 30 -11.63 -7.32 -0.58
C GLY A 30 -11.48 -6.08 0.28
N GLY A 31 -12.44 -5.16 0.15
CA GLY A 31 -12.38 -3.93 0.93
C GLY A 31 -13.40 -3.91 2.05
N HIS A 32 -14.48 -4.66 1.87
CA HIS A 32 -15.54 -4.72 2.88
C HIS A 32 -15.54 -6.08 3.58
N ALA A 33 -14.78 -6.17 4.68
CA ALA A 33 -14.70 -7.40 5.44
C ALA A 33 -16.05 -7.77 6.04
#